data_7UR1
#
_entry.id   7UR1
#
_cell.length_a   60.651
_cell.length_b   81.696
_cell.length_c   110.080
_cell.angle_alpha   90.000
_cell.angle_beta   90.000
_cell.angle_gamma   90.000
#
_symmetry.space_group_name_H-M   'P 21 21 21'
#
loop_
_entity.id
_entity.type
_entity.pdbx_description
1 polymer 'HLA class I antigen'
2 polymer Beta-2-microglobulin
3 polymer 'SARS-CoV-2 Spike-derived peptide S1215-1224 (YIWLGFIAGL)'
4 water water
#
loop_
_entity_poly.entity_id
_entity_poly.type
_entity_poly.pdbx_seq_one_letter_code
_entity_poly.pdbx_strand_id
1 'polypeptide(L)'
;MAVMAPRTLVLLLSGALALTQTWAGSHSMRYFFTSVSRPGRGEPRFIAVGYVDDTQFVRFDSDAASQRMEPRAPWIEQEG
PEYWDGETRKVKAHSQTHRVDLGTLRGYYNQSEAGSHTVQRMYGCDVGSDWRFLRGYHQYAYDGKDYIALKEDLRSWTAA
DMAAQTTKHKWEAAHVAEQLRAYLEGTCVEWLRRYLENGKETLQRTDAPKTHMTHHAVSDHEATLRCWALSFYPAEITLT
WQRDGEDQTQDTELVETRPAGDGTFQKWAAVVVPSGQEQRYTCHVQHEGLPKPLTLRWEPSSQPTIPIVGIIAGLVLFGA
VITGAVVAAVMWRRKSSDRKGGSYSQAASSDSAQGSDVSLTACKV
;
A
2 'polypeptide(L)'
;MIQRTPKIQVYSRHPAENGKSNFLNCYVSGFHPSDIEVDLLKNGERIEKVEHSDLSFSKDWSFYLLYYTEFTPTEKDEYA
CRVNHVTLSQPKIVKWDRDM
;
B
3 'polypeptide(L)' YIWLGFIAGL C
#
# COMPACT_ATOMS: atom_id res chain seq x y z
N GLY A 25 -13.21 15.37 -7.42
CA GLY A 25 -11.88 15.05 -7.94
C GLY A 25 -11.89 13.77 -8.74
N SER A 26 -10.72 13.22 -9.04
CA SER A 26 -10.69 11.92 -9.70
C SER A 26 -10.72 10.80 -8.66
N HIS A 27 -11.18 9.64 -9.08
CA HIS A 27 -11.31 8.49 -8.20
C HIS A 27 -10.90 7.23 -8.94
N SER A 28 -10.66 6.16 -8.18
CA SER A 28 -10.30 4.89 -8.78
C SER A 28 -10.80 3.76 -7.91
N MET A 29 -10.99 2.60 -8.53
CA MET A 29 -11.34 1.33 -7.86
C MET A 29 -10.31 0.31 -8.29
N ARG A 30 -9.71 -0.38 -7.32
CA ARG A 30 -8.58 -1.25 -7.64
C ARG A 30 -8.62 -2.50 -6.79
N TYR A 31 -8.19 -3.61 -7.39
CA TYR A 31 -8.19 -4.90 -6.73
C TYR A 31 -6.80 -5.50 -6.83
N PHE A 32 -6.33 -6.05 -5.71
CA PHE A 32 -4.99 -6.62 -5.57
C PHE A 32 -5.13 -8.06 -5.10
N PHE A 33 -4.52 -8.98 -5.83
CA PHE A 33 -4.52 -10.39 -5.47
C PHE A 33 -3.09 -10.92 -5.39
N THR A 34 -2.82 -11.71 -4.35
CA THR A 34 -1.53 -12.33 -4.13
C THR A 34 -1.71 -13.80 -3.82
N SER A 35 -0.97 -14.66 -4.52
CA SER A 35 -0.98 -16.10 -4.26
C SER A 35 0.44 -16.58 -4.04
N VAL A 36 0.67 -17.25 -2.90
CA VAL A 36 2.00 -17.77 -2.53
C VAL A 36 1.91 -19.27 -2.36
N SER A 37 2.63 -20.01 -3.19
CA SER A 37 2.58 -21.47 -3.17
C SER A 37 3.35 -22.04 -1.99
N ARG A 38 2.87 -23.18 -1.48
CA ARG A 38 3.43 -23.87 -0.32
C ARG A 38 3.94 -25.24 -0.71
N PRO A 39 5.25 -25.43 -0.91
CA PRO A 39 5.75 -26.77 -1.19
C PRO A 39 5.52 -27.72 -0.02
N GLY A 40 5.30 -28.97 -0.36
CA GLY A 40 5.23 -29.99 0.66
C GLY A 40 3.84 -30.53 0.87
N ARG A 41 2.85 -29.65 0.93
CA ARG A 41 1.49 -30.09 1.22
C ARG A 41 0.48 -29.00 0.94
N GLY A 42 -0.58 -29.33 0.21
CA GLY A 42 -1.75 -28.48 0.17
C GLY A 42 -1.69 -27.38 -0.86
N GLU A 43 -2.60 -26.41 -0.71
CA GLU A 43 -2.99 -25.31 -1.58
C GLU A 43 -2.13 -24.09 -1.31
N PRO A 44 -2.05 -23.15 -2.27
CA PRO A 44 -1.34 -21.90 -1.99
C PRO A 44 -2.14 -20.99 -1.07
N ARG A 45 -1.43 -20.07 -0.44
CA ARG A 45 -2.04 -19.01 0.35
C ARG A 45 -2.42 -17.86 -0.57
N PHE A 46 -3.65 -17.39 -0.43
CA PHE A 46 -4.23 -16.41 -1.34
C PHE A 46 -4.86 -15.31 -0.51
N ILE A 47 -4.59 -14.07 -0.90
CA ILE A 47 -5.12 -12.90 -0.22
C ILE A 47 -5.60 -11.92 -1.28
N ALA A 48 -6.77 -11.31 -1.05
CA ALA A 48 -7.30 -10.33 -1.98
C ALA A 48 -7.74 -9.09 -1.21
N VAL A 49 -7.46 -7.91 -1.76
CA VAL A 49 -7.93 -6.68 -1.14
C VAL A 49 -8.50 -5.77 -2.20
N GLY A 50 -9.47 -4.96 -1.80
CA GLY A 50 -10.12 -4.04 -2.71
C GLY A 50 -10.11 -2.65 -2.10
N TYR A 51 -9.89 -1.67 -2.97
CA TYR A 51 -9.70 -0.27 -2.60
C TYR A 51 -10.61 0.61 -3.44
N VAL A 52 -11.18 1.63 -2.81
CA VAL A 52 -11.65 2.82 -3.49
C VAL A 52 -10.72 3.95 -3.06
N ASP A 53 -10.06 4.57 -4.03
CA ASP A 53 -9.00 5.53 -3.73
C ASP A 53 -8.01 4.91 -2.76
N ASP A 54 -7.80 5.52 -1.59
CA ASP A 54 -6.86 4.95 -0.62
C ASP A 54 -7.56 4.26 0.54
N THR A 55 -8.84 3.93 0.38
CA THR A 55 -9.60 3.27 1.43
C THR A 55 -9.78 1.80 1.06
N GLN A 56 -9.23 0.90 1.87
CA GLN A 56 -9.63 -0.50 1.75
C GLN A 56 -11.08 -0.69 2.15
N PHE A 57 -11.83 -1.47 1.35
CA PHE A 57 -13.22 -1.78 1.72
C PHE A 57 -13.60 -3.26 1.72
N VAL A 58 -12.82 -4.15 1.11
CA VAL A 58 -13.12 -5.58 1.16
C VAL A 58 -11.82 -6.36 1.26
N ARG A 59 -11.92 -7.58 1.77
CA ARG A 59 -10.78 -8.46 1.78
C ARG A 59 -11.22 -9.92 1.75
N PHE A 60 -10.28 -10.79 1.39
CA PHE A 60 -10.43 -12.23 1.47
C PHE A 60 -9.07 -12.81 1.84
N ASP A 61 -9.06 -13.73 2.80
CA ASP A 61 -7.83 -14.43 3.17
C ASP A 61 -8.14 -15.91 3.24
N SER A 62 -7.53 -16.70 2.36
CA SER A 62 -7.79 -18.14 2.31
C SER A 62 -7.43 -18.85 3.62
N ASP A 63 -6.71 -18.18 4.53
CA ASP A 63 -6.34 -18.80 5.79
C ASP A 63 -7.29 -18.43 6.94
N ALA A 64 -8.16 -17.43 6.76
CA ALA A 64 -9.12 -17.04 7.77
C ALA A 64 -10.30 -18.02 7.78
N ALA A 65 -11.16 -17.88 8.79
CA ALA A 65 -12.13 -18.92 9.06
C ALA A 65 -13.39 -18.80 8.21
N SER A 66 -13.82 -17.57 7.91
CA SER A 66 -15.11 -17.37 7.26
C SER A 66 -15.14 -17.97 5.85
N GLN A 67 -14.03 -17.85 5.11
CA GLN A 67 -13.99 -18.20 3.69
C GLN A 67 -15.02 -17.41 2.89
N ARG A 68 -15.17 -16.13 3.21
CA ARG A 68 -16.07 -15.22 2.52
C ARG A 68 -15.36 -13.90 2.28
N MET A 69 -15.78 -13.18 1.23
CA MET A 69 -15.43 -11.75 1.15
C MET A 69 -15.98 -11.08 2.39
N GLU A 70 -15.13 -10.39 3.14
CA GLU A 70 -15.55 -9.69 4.34
C GLU A 70 -15.45 -8.18 4.15
N PRO A 71 -16.32 -7.42 4.80
CA PRO A 71 -16.26 -5.97 4.69
C PRO A 71 -15.11 -5.40 5.51
N ARG A 72 -14.64 -4.22 5.08
CA ARG A 72 -13.60 -3.49 5.81
C ARG A 72 -13.90 -2.01 5.89
N ALA A 73 -15.11 -1.58 5.55
CA ALA A 73 -15.49 -0.17 5.57
C ALA A 73 -17.00 -0.16 5.83
N PRO A 74 -17.51 0.81 6.60
CA PRO A 74 -18.95 0.75 6.96
C PRO A 74 -19.89 0.87 5.77
N TRP A 75 -19.58 1.72 4.80
CA TRP A 75 -20.47 1.97 3.67
C TRP A 75 -20.63 0.78 2.73
N ILE A 76 -19.82 -0.27 2.89
CA ILE A 76 -20.02 -1.49 2.11
C ILE A 76 -20.83 -2.55 2.88
N GLU A 77 -20.99 -2.40 4.20
CA GLU A 77 -21.77 -3.35 5.00
C GLU A 77 -23.24 -3.36 4.59
N GLN A 78 -23.78 -2.22 4.15
CA GLN A 78 -25.17 -2.09 3.78
C GLN A 78 -25.56 -2.93 2.56
N GLU A 79 -24.60 -3.50 1.84
CA GLU A 79 -24.93 -4.32 0.69
C GLU A 79 -25.48 -5.67 1.14
N GLY A 80 -26.44 -6.19 0.36
CA GLY A 80 -27.21 -7.35 0.78
C GLY A 80 -26.48 -8.66 0.56
N PRO A 81 -27.17 -9.75 0.94
CA PRO A 81 -26.54 -11.08 0.82
C PRO A 81 -26.26 -11.51 -0.61
N GLU A 82 -27.04 -11.03 -1.58
CA GLU A 82 -26.77 -11.39 -2.97
C GLU A 82 -25.38 -10.88 -3.38
N TYR A 83 -25.04 -9.65 -2.98
CA TYR A 83 -23.72 -9.09 -3.25
C TYR A 83 -22.62 -9.96 -2.64
N TRP A 84 -22.72 -10.26 -1.34
CA TRP A 84 -21.68 -11.01 -0.64
C TRP A 84 -21.59 -12.44 -1.14
N ASP A 85 -22.67 -12.99 -1.69
CA ASP A 85 -22.61 -14.33 -2.27
C ASP A 85 -21.86 -14.30 -3.59
N GLY A 86 -22.17 -13.30 -4.42
CA GLY A 86 -21.49 -13.14 -5.70
C GLY A 86 -20.01 -12.82 -5.52
N GLU A 87 -19.69 -11.83 -4.68
CA GLU A 87 -18.29 -11.47 -4.45
C GLU A 87 -17.49 -12.68 -3.95
N THR A 88 -18.06 -13.45 -3.02
CA THR A 88 -17.34 -14.59 -2.46
C THR A 88 -17.08 -15.62 -3.54
N ARG A 89 -18.11 -15.93 -4.32
CA ARG A 89 -17.98 -16.89 -5.41
C ARG A 89 -16.93 -16.44 -6.41
N LYS A 90 -16.94 -15.16 -6.79
CA LYS A 90 -15.96 -14.69 -7.78
C LYS A 90 -14.54 -14.71 -7.21
N VAL A 91 -14.38 -14.36 -5.93
CA VAL A 91 -13.02 -14.30 -5.38
C VAL A 91 -12.45 -15.71 -5.25
N LYS A 92 -13.30 -16.72 -4.99
CA LYS A 92 -12.82 -18.10 -4.97
C LYS A 92 -12.49 -18.60 -6.38
N ALA A 93 -13.23 -18.15 -7.39
CA ALA A 93 -12.81 -18.39 -8.77
C ALA A 93 -11.44 -17.77 -9.06
N HIS A 94 -11.21 -16.54 -8.59
CA HIS A 94 -9.89 -15.93 -8.78
C HIS A 94 -8.81 -16.77 -8.13
N SER A 95 -9.06 -17.24 -6.92
CA SER A 95 -8.06 -18.04 -6.21
C SER A 95 -7.76 -19.33 -6.96
N GLN A 96 -8.77 -19.98 -7.52
CA GLN A 96 -8.52 -21.21 -8.26
C GLN A 96 -7.74 -20.92 -9.54
N THR A 97 -7.98 -19.77 -10.18
CA THR A 97 -7.18 -19.38 -11.35
C THR A 97 -5.69 -19.27 -10.99
N HIS A 98 -5.38 -18.55 -9.92
CA HIS A 98 -3.99 -18.42 -9.50
C HIS A 98 -3.38 -19.74 -9.09
N ARG A 99 -4.17 -20.64 -8.48
CA ARG A 99 -3.66 -21.97 -8.20
C ARG A 99 -3.18 -22.65 -9.48
N VAL A 100 -3.96 -22.54 -10.55
CA VAL A 100 -3.57 -23.19 -11.79
C VAL A 100 -2.39 -22.45 -12.44
N ASP A 101 -2.41 -21.11 -12.39
CA ASP A 101 -1.31 -20.34 -12.94
C ASP A 101 0.03 -20.78 -12.36
N LEU A 102 0.10 -20.87 -11.03
CA LEU A 102 1.35 -21.26 -10.38
C LEU A 102 1.82 -22.62 -10.89
N GLY A 103 0.89 -23.56 -11.06
CA GLY A 103 1.27 -24.84 -11.66
C GLY A 103 1.84 -24.69 -13.05
N THR A 104 1.18 -23.91 -13.91
CA THR A 104 1.61 -23.78 -15.29
C THR A 104 2.91 -22.98 -15.43
N LEU A 105 3.07 -21.90 -14.65
CA LEU A 105 4.31 -21.14 -14.71
C LEU A 105 5.50 -21.98 -14.30
N ARG A 106 5.33 -22.77 -13.24
CA ARG A 106 6.37 -23.73 -12.85
C ARG A 106 6.76 -24.61 -14.03
N GLY A 107 5.77 -25.00 -14.85
CA GLY A 107 6.08 -25.77 -16.06
C GLY A 107 6.81 -24.94 -17.11
N TYR A 108 6.26 -23.78 -17.48
CA TYR A 108 6.92 -22.92 -18.48
C TYR A 108 8.38 -22.68 -18.13
N TYR A 109 8.66 -22.36 -16.87
CA TYR A 109 10.01 -21.99 -16.46
C TYR A 109 10.86 -23.19 -16.04
N ASN A 110 10.30 -24.39 -16.10
CA ASN A 110 11.01 -25.64 -15.80
C ASN A 110 11.55 -25.66 -14.38
N GLN A 111 10.78 -25.10 -13.46
CA GLN A 111 11.22 -25.03 -12.08
C GLN A 111 10.77 -26.26 -11.29
N SER A 112 11.43 -26.49 -10.16
CA SER A 112 11.13 -27.67 -9.35
C SER A 112 9.88 -27.43 -8.50
N GLU A 113 9.33 -28.54 -8.00
CA GLU A 113 8.22 -28.46 -7.06
C GLU A 113 8.67 -28.10 -5.66
N ALA A 114 9.95 -27.74 -5.49
CA ALA A 114 10.51 -27.52 -4.15
C ALA A 114 10.47 -26.07 -3.71
N GLY A 115 10.59 -25.11 -4.62
CA GLY A 115 10.62 -23.71 -4.23
C GLY A 115 9.24 -23.11 -3.98
N SER A 116 9.24 -21.91 -3.38
CA SER A 116 8.03 -21.14 -3.14
C SER A 116 7.97 -19.96 -4.10
N HIS A 117 6.85 -19.83 -4.81
CA HIS A 117 6.69 -18.81 -5.84
C HIS A 117 5.42 -18.01 -5.61
N THR A 118 5.41 -16.82 -6.21
CA THR A 118 4.36 -15.82 -6.04
C THR A 118 3.77 -15.47 -7.40
N VAL A 119 2.45 -15.33 -7.44
CA VAL A 119 1.80 -14.63 -8.55
C VAL A 119 1.01 -13.47 -7.96
N GLN A 120 1.07 -12.31 -8.62
CA GLN A 120 0.30 -11.14 -8.22
C GLN A 120 -0.46 -10.56 -9.42
N ARG A 121 -1.72 -10.21 -9.20
CA ARG A 121 -2.57 -9.58 -10.19
C ARG A 121 -3.19 -8.32 -9.60
N MET A 122 -3.31 -7.28 -10.44
CA MET A 122 -3.93 -6.02 -10.05
C MET A 122 -4.67 -5.45 -11.24
N TYR A 123 -5.91 -4.98 -11.02
CA TYR A 123 -6.71 -4.34 -12.07
C TYR A 123 -7.68 -3.32 -11.48
N GLY A 124 -8.27 -2.50 -12.34
CA GLY A 124 -9.12 -1.42 -11.88
C GLY A 124 -9.31 -0.33 -12.92
N CYS A 125 -10.10 0.68 -12.51
CA CYS A 125 -10.52 1.76 -13.39
C CYS A 125 -10.43 3.10 -12.65
N ASP A 126 -10.05 4.15 -13.36
CA ASP A 126 -10.08 5.53 -12.87
C ASP A 126 -11.20 6.29 -13.58
N VAL A 127 -11.94 7.09 -12.82
CA VAL A 127 -12.87 8.05 -13.42
C VAL A 127 -12.35 9.45 -13.17
N GLY A 128 -12.77 10.38 -14.03
CA GLY A 128 -12.38 11.77 -13.90
C GLY A 128 -13.32 12.53 -13.00
N SER A 129 -13.11 13.86 -12.94
CA SER A 129 -13.97 14.70 -12.13
C SER A 129 -15.44 14.55 -12.51
N ASP A 130 -15.72 14.33 -13.79
CA ASP A 130 -17.10 14.13 -14.23
C ASP A 130 -17.60 12.72 -13.95
N TRP A 131 -16.76 11.85 -13.39
CA TRP A 131 -17.07 10.47 -13.04
C TRP A 131 -17.24 9.56 -14.27
N ARG A 132 -16.73 9.97 -15.43
CA ARG A 132 -16.71 9.11 -16.61
C ARG A 132 -15.36 8.41 -16.75
N PHE A 133 -15.34 7.39 -17.60
CA PHE A 133 -14.16 6.55 -17.76
C PHE A 133 -12.97 7.37 -18.23
N LEU A 134 -11.89 7.28 -17.47
CA LEU A 134 -10.59 7.83 -17.84
C LEU A 134 -9.60 6.78 -18.27
N ARG A 135 -9.51 5.66 -17.55
CA ARG A 135 -8.43 4.70 -17.81
C ARG A 135 -8.72 3.40 -17.07
N GLY A 136 -8.29 2.28 -17.67
CA GLY A 136 -8.34 0.98 -17.03
C GLY A 136 -7.01 0.27 -17.16
N TYR A 137 -6.79 -0.74 -16.32
CA TYR A 137 -5.50 -1.44 -16.32
C TYR A 137 -5.68 -2.83 -15.75
N HIS A 138 -4.73 -3.70 -16.09
CA HIS A 138 -4.71 -5.12 -15.67
C HIS A 138 -3.31 -5.68 -15.85
N GLN A 139 -2.59 -5.94 -14.76
CA GLN A 139 -1.23 -6.47 -14.93
C GLN A 139 -0.97 -7.69 -14.07
N TYR A 140 -0.01 -8.50 -14.51
CA TYR A 140 0.35 -9.76 -13.86
C TYR A 140 1.84 -9.86 -13.66
N ALA A 141 2.24 -10.38 -12.51
CA ALA A 141 3.66 -10.57 -12.17
C ALA A 141 3.90 -11.98 -11.63
N TYR A 142 5.06 -12.53 -11.93
CA TYR A 142 5.52 -13.84 -11.43
C TYR A 142 6.88 -13.61 -10.76
N ASP A 143 6.99 -14.08 -9.53
CA ASP A 143 8.21 -13.93 -8.71
C ASP A 143 8.63 -12.47 -8.63
N GLY A 144 7.68 -11.54 -8.67
CA GLY A 144 8.05 -10.16 -8.46
C GLY A 144 8.48 -9.39 -9.68
N LYS A 145 8.42 -9.99 -10.88
CA LYS A 145 8.72 -9.26 -12.12
C LYS A 145 7.53 -9.27 -13.07
N ASP A 146 7.42 -8.21 -13.87
CA ASP A 146 6.44 -8.14 -14.96
C ASP A 146 6.36 -9.47 -15.71
N TYR A 147 5.13 -9.94 -15.90
CA TYR A 147 4.86 -11.07 -16.77
C TYR A 147 4.01 -10.66 -17.98
N ILE A 148 2.76 -10.23 -17.77
CA ILE A 148 1.91 -9.83 -18.87
C ILE A 148 1.00 -8.71 -18.38
N ALA A 149 0.85 -7.68 -19.21
CA ALA A 149 0.02 -6.54 -18.88
C ALA A 149 -0.85 -6.16 -20.06
N LEU A 150 -2.00 -5.57 -19.76
CA LEU A 150 -2.90 -5.04 -20.79
C LEU A 150 -2.44 -3.64 -21.14
N LYS A 151 -2.36 -3.37 -22.45
CA LYS A 151 -1.92 -2.07 -22.93
C LYS A 151 -2.99 -1.03 -22.62
N GLU A 152 -2.62 0.25 -22.75
CA GLU A 152 -3.50 1.32 -22.33
C GLU A 152 -4.76 1.44 -23.18
N ASP A 153 -4.75 0.90 -24.42
CA ASP A 153 -5.95 0.93 -25.25
C ASP A 153 -6.91 -0.22 -24.95
N LEU A 154 -6.52 -1.13 -24.05
CA LEU A 154 -7.38 -2.23 -23.64
C LEU A 154 -7.67 -3.20 -24.78
N ARG A 155 -6.79 -3.23 -25.77
CA ARG A 155 -7.02 -4.05 -26.96
C ARG A 155 -5.96 -5.11 -27.20
N SER A 156 -4.71 -4.89 -26.77
CA SER A 156 -3.68 -5.93 -26.89
C SER A 156 -2.88 -6.08 -25.60
N TRP A 157 -1.78 -6.82 -25.66
CA TRP A 157 -1.05 -7.23 -24.46
C TRP A 157 0.44 -6.94 -24.58
N THR A 158 1.06 -6.65 -23.43
CA THR A 158 2.50 -6.51 -23.30
C THR A 158 3.04 -7.77 -22.62
N ALA A 159 3.92 -8.50 -23.31
CA ALA A 159 4.50 -9.74 -22.81
C ALA A 159 6.00 -9.57 -22.58
N ALA A 160 6.45 -9.83 -21.35
CA ALA A 160 7.84 -9.53 -20.99
C ALA A 160 8.84 -10.54 -21.55
N ASP A 161 8.48 -11.81 -21.64
CA ASP A 161 9.41 -12.81 -22.14
C ASP A 161 8.62 -13.86 -22.91
N MET A 162 9.30 -14.95 -23.27
CA MET A 162 8.69 -15.94 -24.16
C MET A 162 7.61 -16.75 -23.46
N ALA A 163 7.80 -17.06 -22.17
CA ALA A 163 6.71 -17.71 -21.43
C ALA A 163 5.45 -16.87 -21.57
N ALA A 164 5.55 -15.57 -21.27
CA ALA A 164 4.42 -14.67 -21.39
C ALA A 164 3.93 -14.51 -22.84
N GLN A 165 4.79 -14.70 -23.84
CA GLN A 165 4.26 -14.60 -25.19
C GLN A 165 3.33 -15.76 -25.50
N THR A 166 3.61 -16.94 -24.93
CA THR A 166 2.69 -18.06 -25.08
C THR A 166 1.33 -17.72 -24.46
N THR A 167 1.32 -17.11 -23.27
CA THR A 167 0.09 -16.63 -22.65
C THR A 167 -0.60 -15.59 -23.54
N LYS A 168 0.19 -14.69 -24.13
CA LYS A 168 -0.39 -13.70 -25.04
C LYS A 168 -1.12 -14.38 -26.18
N HIS A 169 -0.58 -15.49 -26.68
CA HIS A 169 -1.26 -16.18 -27.77
C HIS A 169 -2.52 -16.89 -27.29
N LYS A 170 -2.50 -17.53 -26.12
CA LYS A 170 -3.74 -18.11 -25.57
C LYS A 170 -4.84 -17.06 -25.50
N TRP A 171 -4.49 -15.88 -25.01
CA TRP A 171 -5.50 -14.90 -24.63
C TRP A 171 -6.04 -14.14 -25.84
N GLU A 172 -5.21 -13.86 -26.84
CA GLU A 172 -5.76 -13.26 -28.06
C GLU A 172 -6.73 -14.20 -28.76
N ALA A 173 -6.46 -15.51 -28.70
CA ALA A 173 -7.35 -16.48 -29.33
C ALA A 173 -8.65 -16.64 -28.55
N ALA A 174 -8.60 -16.58 -27.22
CA ALA A 174 -9.81 -16.63 -26.41
C ALA A 174 -10.46 -15.26 -26.21
N HIS A 175 -9.91 -14.20 -26.80
CA HIS A 175 -10.50 -12.87 -26.77
C HIS A 175 -10.71 -12.36 -25.34
N VAL A 176 -9.71 -12.61 -24.48
CA VAL A 176 -9.77 -12.19 -23.08
C VAL A 176 -9.82 -10.67 -22.97
N ALA A 177 -9.01 -9.97 -23.80
CA ALA A 177 -8.90 -8.52 -23.68
C ALA A 177 -10.25 -7.85 -23.91
N GLU A 178 -10.95 -8.28 -24.96
CA GLU A 178 -12.32 -7.83 -25.23
C GLU A 178 -13.22 -8.04 -24.01
N GLN A 179 -13.22 -9.26 -23.46
CA GLN A 179 -14.00 -9.54 -22.25
C GLN A 179 -13.57 -8.62 -21.12
N LEU A 180 -12.27 -8.31 -21.07
CA LEU A 180 -11.77 -7.54 -19.94
C LEU A 180 -12.15 -6.08 -20.11
N ARG A 181 -12.16 -5.60 -21.35
CA ARG A 181 -12.50 -4.21 -21.63
C ARG A 181 -13.95 -3.88 -21.27
N ALA A 182 -14.88 -4.80 -21.53
CA ALA A 182 -16.26 -4.57 -21.10
C ALA A 182 -16.32 -4.26 -19.61
N TYR A 183 -15.66 -5.09 -18.80
CA TYR A 183 -15.67 -4.86 -17.35
C TYR A 183 -15.10 -3.49 -16.99
N LEU A 184 -13.88 -3.19 -17.45
CA LEU A 184 -13.20 -1.97 -17.03
C LEU A 184 -14.00 -0.73 -17.41
N GLU A 185 -14.41 -0.65 -18.69
CA GLU A 185 -15.14 0.52 -19.17
C GLU A 185 -16.57 0.55 -18.65
N GLY A 186 -17.15 -0.60 -18.36
CA GLY A 186 -18.55 -0.65 -18.01
C GLY A 186 -18.78 -0.94 -16.54
N THR A 187 -18.86 -2.23 -16.21
CA THR A 187 -19.18 -2.67 -14.85
C THR A 187 -18.29 -2.02 -13.78
N CYS A 188 -16.96 -2.03 -13.99
CA CYS A 188 -16.05 -1.42 -13.02
C CYS A 188 -16.47 0.00 -12.67
N VAL A 189 -16.76 0.80 -13.68
CA VAL A 189 -17.09 2.21 -13.48
C VAL A 189 -18.44 2.37 -12.80
N GLU A 190 -19.44 1.55 -13.19
CA GLU A 190 -20.78 1.68 -12.61
C GLU A 190 -20.76 1.48 -11.09
N TRP A 191 -20.11 0.42 -10.64
CA TRP A 191 -20.07 0.16 -9.21
C TRP A 191 -19.23 1.18 -8.47
N LEU A 192 -18.25 1.78 -9.15
CA LEU A 192 -17.43 2.82 -8.53
C LEU A 192 -18.29 4.03 -8.17
N ARG A 193 -19.15 4.46 -9.11
CA ARG A 193 -20.13 5.50 -8.80
C ARG A 193 -20.99 5.09 -7.62
N ARG A 194 -21.50 3.86 -7.65
CA ARG A 194 -22.36 3.42 -6.55
C ARG A 194 -21.64 3.49 -5.22
N TYR A 195 -20.39 3.00 -5.18
CA TYR A 195 -19.66 3.07 -3.92
C TYR A 195 -19.43 4.50 -3.48
N LEU A 196 -19.01 5.37 -4.42
CA LEU A 196 -18.77 6.77 -4.09
C LEU A 196 -20.00 7.45 -3.50
N GLU A 197 -21.20 7.05 -3.93
CA GLU A 197 -22.40 7.70 -3.41
C GLU A 197 -22.73 7.21 -2.00
N ASN A 198 -22.63 5.91 -1.76
CA ASN A 198 -22.98 5.39 -0.45
C ASN A 198 -21.92 5.71 0.61
N GLY A 199 -20.64 5.73 0.22
CA GLY A 199 -19.61 6.13 1.15
C GLY A 199 -19.28 7.61 1.10
N LYS A 200 -20.18 8.40 0.49
CA LYS A 200 -19.88 9.79 0.15
C LYS A 200 -19.41 10.62 1.34
N GLU A 201 -19.88 10.32 2.56
CA GLU A 201 -19.45 11.11 3.72
C GLU A 201 -17.96 10.93 3.99
N THR A 202 -17.38 9.83 3.52
CA THR A 202 -15.96 9.49 3.68
C THR A 202 -15.20 9.56 2.37
N LEU A 203 -15.67 8.86 1.35
CA LEU A 203 -14.96 8.78 0.09
C LEU A 203 -14.90 10.12 -0.62
N GLN A 204 -15.85 11.03 -0.37
CA GLN A 204 -15.92 12.29 -1.09
C GLN A 204 -15.45 13.46 -0.26
N ARG A 205 -14.90 13.22 0.92
CA ARG A 205 -14.36 14.26 1.77
C ARG A 205 -12.84 14.27 1.63
N THR A 206 -12.24 15.45 1.70
CA THR A 206 -10.80 15.58 1.81
C THR A 206 -10.45 16.05 3.22
N ASP A 207 -9.36 15.53 3.76
CA ASP A 207 -8.84 15.95 5.06
C ASP A 207 -7.50 16.62 4.84
N ALA A 208 -7.46 17.93 5.09
CA ALA A 208 -6.25 18.70 4.85
C ALA A 208 -5.20 18.34 5.90
N PRO A 209 -3.94 18.25 5.50
CA PRO A 209 -2.89 17.91 6.49
C PRO A 209 -2.84 18.94 7.60
N LYS A 210 -2.64 18.46 8.83
CA LYS A 210 -2.28 19.32 9.95
C LYS A 210 -0.76 19.42 9.99
N THR A 211 -0.24 20.63 9.90
CA THR A 211 1.18 20.81 9.66
C THR A 211 1.77 21.58 10.82
N HIS A 212 3.00 21.22 11.20
CA HIS A 212 3.81 22.00 12.12
C HIS A 212 5.29 21.72 11.84
N MET A 213 6.16 22.45 12.53
CA MET A 213 7.59 22.38 12.31
C MET A 213 8.30 22.27 13.66
N THR A 214 9.20 21.30 13.78
CA THR A 214 10.03 21.05 14.96
C THR A 214 11.51 21.22 14.61
N HIS A 215 12.35 21.23 15.66
CA HIS A 215 13.74 21.66 15.60
C HIS A 215 14.59 20.76 16.49
N HIS A 216 15.69 20.23 15.95
CA HIS A 216 16.57 19.33 16.72
C HIS A 216 18.04 19.65 16.41
N ALA A 217 18.79 20.03 17.44
CA ALA A 217 20.22 20.21 17.28
C ALA A 217 20.88 18.88 16.90
N VAL A 218 21.85 18.93 15.99
CA VAL A 218 22.59 17.73 15.59
C VAL A 218 24.08 17.84 15.87
N SER A 219 24.49 18.99 16.36
CA SER A 219 25.84 19.33 16.86
C SER A 219 25.81 20.76 17.38
N ASP A 220 26.99 21.35 17.57
CA ASP A 220 27.04 22.77 17.99
C ASP A 220 26.92 23.62 16.73
N HIS A 221 27.22 23.04 15.58
CA HIS A 221 27.17 23.85 14.35
C HIS A 221 25.91 23.59 13.53
N GLU A 222 25.20 22.49 13.76
CA GLU A 222 24.06 22.19 12.85
C GLU A 222 22.76 21.96 13.60
N ALA A 223 21.65 22.10 12.88
CA ALA A 223 20.31 21.89 13.38
C ALA A 223 19.48 21.21 12.31
N THR A 224 18.55 20.36 12.73
CA THR A 224 17.59 19.72 11.83
C THR A 224 16.26 20.45 11.95
N LEU A 225 15.66 20.77 10.81
CA LEU A 225 14.28 21.22 10.77
C LEU A 225 13.46 20.09 10.17
N ARG A 226 12.40 19.67 10.88
CA ARG A 226 11.51 18.61 10.42
C ARG A 226 10.11 19.19 10.23
N CYS A 227 9.61 19.12 9.01
CA CYS A 227 8.30 19.65 8.64
C CYS A 227 7.31 18.49 8.53
N TRP A 228 6.24 18.54 9.33
CA TRP A 228 5.31 17.42 9.53
C TRP A 228 3.97 17.65 8.85
N ALA A 229 3.41 16.58 8.27
CA ALA A 229 2.06 16.57 7.71
C ALA A 229 1.31 15.37 8.30
N LEU A 230 0.25 15.63 9.07
CA LEU A 230 -0.45 14.59 9.82
C LEU A 230 -1.92 14.55 9.44
N SER A 231 -2.50 13.33 9.47
CA SER A 231 -3.95 13.12 9.48
C SER A 231 -4.64 13.51 8.17
N PHE A 232 -3.98 13.28 7.03
CA PHE A 232 -4.52 13.77 5.77
C PHE A 232 -5.02 12.63 4.90
N TYR A 233 -5.97 12.95 4.01
CA TYR A 233 -6.67 12.01 3.12
C TYR A 233 -7.05 12.83 1.91
N PRO A 234 -6.74 12.36 0.68
CA PRO A 234 -6.00 11.14 0.33
C PRO A 234 -4.49 11.26 0.53
N ALA A 235 -3.77 10.20 0.16
CA ALA A 235 -2.38 10.10 0.57
C ALA A 235 -1.40 10.85 -0.33
N GLU A 236 -1.78 11.16 -1.57
CA GLU A 236 -0.93 12.00 -2.40
C GLU A 236 -0.70 13.35 -1.73
N ILE A 237 0.56 13.78 -1.69
CA ILE A 237 0.94 15.04 -1.05
C ILE A 237 2.35 15.39 -1.52
N THR A 238 2.70 16.67 -1.44
CA THR A 238 4.05 17.12 -1.78
C THR A 238 4.56 18.05 -0.69
N LEU A 239 5.73 17.73 -0.14
CA LEU A 239 6.45 18.58 0.80
C LEU A 239 7.80 18.97 0.19
N THR A 240 8.11 20.26 0.16
CA THR A 240 9.35 20.75 -0.43
C THR A 240 9.95 21.81 0.46
N TRP A 241 11.28 21.87 0.47
CA TRP A 241 12.02 22.84 1.26
C TRP A 241 12.60 23.92 0.35
N GLN A 242 12.55 25.17 0.81
CA GLN A 242 13.15 26.29 0.10
C GLN A 242 14.11 27.04 1.02
N ARG A 243 15.12 27.67 0.42
CA ARG A 243 16.05 28.53 1.16
CA ARG A 243 16.07 28.52 1.15
C ARG A 243 16.17 29.86 0.42
N ASP A 244 15.84 30.95 1.11
CA ASP A 244 15.74 32.27 0.50
C ASP A 244 14.90 32.23 -0.78
N GLY A 245 13.78 31.52 -0.71
CA GLY A 245 12.87 31.46 -1.84
C GLY A 245 13.30 30.61 -3.01
N GLU A 246 14.32 29.77 -2.86
CA GLU A 246 14.77 28.89 -3.93
C GLU A 246 14.79 27.44 -3.46
N ASP A 247 14.43 26.54 -4.35
CA ASP A 247 14.31 25.12 -4.03
C ASP A 247 15.62 24.53 -3.51
N GLN A 248 15.48 23.56 -2.60
CA GLN A 248 16.61 22.97 -1.89
C GLN A 248 16.36 21.48 -1.72
N THR A 249 17.25 20.67 -2.27
CA THR A 249 17.21 19.23 -2.08
C THR A 249 18.45 18.68 -1.40
N GLN A 250 19.58 19.38 -1.50
CA GLN A 250 20.76 19.06 -0.70
C GLN A 250 20.44 19.09 0.79
N ASP A 251 20.95 18.08 1.51
CA ASP A 251 20.76 17.98 2.96
C ASP A 251 19.28 17.98 3.32
N THR A 252 18.46 17.31 2.52
CA THR A 252 17.06 17.08 2.86
C THR A 252 16.79 15.59 2.87
N GLU A 253 15.93 15.17 3.79
CA GLU A 253 15.47 13.80 3.87
C GLU A 253 13.94 13.80 3.84
N LEU A 254 13.37 12.95 3.01
CA LEU A 254 11.92 12.88 2.81
C LEU A 254 11.50 11.42 2.96
N VAL A 255 10.74 11.11 4.00
CA VAL A 255 10.31 9.73 4.25
C VAL A 255 9.10 9.39 3.38
N GLU A 256 8.98 8.11 3.08
CA GLU A 256 7.82 7.60 2.37
C GLU A 256 6.54 7.88 3.15
N THR A 257 5.51 8.35 2.43
CA THR A 257 4.19 8.53 3.04
C THR A 257 3.77 7.26 3.76
N ARG A 258 3.28 7.40 4.98
CA ARG A 258 2.97 6.22 5.78
C ARG A 258 1.58 6.32 6.38
N PRO A 259 0.91 5.18 6.59
CA PRO A 259 -0.44 5.22 7.17
C PRO A 259 -0.42 5.37 8.68
N ALA A 260 -1.30 6.24 9.17
CA ALA A 260 -1.43 6.43 10.61
C ALA A 260 -2.12 5.25 11.29
N GLY A 261 -2.91 4.47 10.55
CA GLY A 261 -3.61 3.33 11.08
C GLY A 261 -5.08 3.57 11.31
N ASP A 262 -5.53 4.83 11.26
CA ASP A 262 -6.93 5.20 11.41
C ASP A 262 -7.54 5.67 10.10
N GLY A 263 -7.00 5.21 8.97
CA GLY A 263 -7.48 5.64 7.69
C GLY A 263 -6.76 6.84 7.07
N THR A 264 -6.04 7.65 7.86
CA THR A 264 -5.33 8.83 7.34
C THR A 264 -3.84 8.51 7.20
N PHE A 265 -3.08 9.49 6.72
CA PHE A 265 -1.67 9.28 6.38
C PHE A 265 -0.79 10.36 7.01
N GLN A 266 0.52 10.09 7.01
CA GLN A 266 1.52 10.98 7.56
C GLN A 266 2.72 11.10 6.62
N LYS A 267 3.45 12.21 6.76
CA LYS A 267 4.71 12.41 6.04
C LYS A 267 5.52 13.50 6.74
N TRP A 268 6.85 13.40 6.65
CA TRP A 268 7.69 14.53 7.04
C TRP A 268 8.89 14.66 6.12
N ALA A 269 9.40 15.89 6.08
CA ALA A 269 10.56 16.31 5.30
C ALA A 269 11.45 17.12 6.22
N ALA A 270 12.76 16.85 6.17
CA ALA A 270 13.73 17.50 7.05
C ALA A 270 14.86 18.14 6.27
N VAL A 271 15.42 19.22 6.82
CA VAL A 271 16.63 19.87 6.30
C VAL A 271 17.61 20.12 7.44
N VAL A 272 18.89 19.82 7.19
CA VAL A 272 19.98 20.19 8.10
C VAL A 272 20.47 21.57 7.69
N VAL A 273 20.55 22.50 8.66
CA VAL A 273 20.91 23.88 8.39
C VAL A 273 21.92 24.33 9.45
N PRO A 274 22.62 25.45 9.21
CA PRO A 274 23.53 25.97 10.25
C PRO A 274 22.77 26.70 11.36
N SER A 275 23.16 26.39 12.61
CA SER A 275 22.49 26.97 13.77
C SER A 275 22.51 28.48 13.67
N GLY A 276 21.33 29.11 13.78
CA GLY A 276 21.22 30.54 13.61
C GLY A 276 20.70 30.98 12.25
N GLN A 277 20.65 30.06 11.29
CA GLN A 277 20.15 30.40 9.93
C GLN A 277 18.79 29.75 9.65
N GLU A 278 18.08 29.32 10.69
CA GLU A 278 16.78 28.62 10.52
C GLU A 278 15.78 29.45 9.74
N GLN A 279 15.73 30.76 9.94
CA GLN A 279 14.76 31.67 9.29
C GLN A 279 14.86 31.73 7.75
N ARG A 280 16.00 31.37 7.15
CA ARG A 280 16.13 31.44 5.67
C ARG A 280 15.30 30.35 5.00
N TYR A 281 14.90 29.31 5.75
CA TYR A 281 14.28 28.16 5.12
C TYR A 281 12.76 28.15 5.35
N THR A 282 12.01 27.75 4.32
CA THR A 282 10.55 27.60 4.39
C THR A 282 10.11 26.23 3.90
N CYS A 283 9.15 25.61 4.58
CA CYS A 283 8.55 24.36 4.12
C CYS A 283 7.24 24.67 3.40
N HIS A 284 7.01 23.98 2.28
CA HIS A 284 5.83 24.21 1.45
C HIS A 284 5.08 22.89 1.25
N VAL A 285 3.75 22.94 1.43
CA VAL A 285 2.89 21.77 1.53
C VAL A 285 1.76 21.89 0.51
N GLN A 286 1.64 20.90 -0.37
CA GLN A 286 0.59 20.87 -1.40
C GLN A 286 -0.26 19.63 -1.20
N HIS A 287 -1.58 19.81 -1.20
CA HIS A 287 -2.50 18.69 -1.00
C HIS A 287 -3.87 19.08 -1.54
N GLU A 288 -4.60 18.09 -2.06
CA GLU A 288 -5.93 18.34 -2.61
C GLU A 288 -6.84 19.06 -1.61
N GLY A 289 -6.71 18.76 -0.32
CA GLY A 289 -7.55 19.39 0.68
C GLY A 289 -7.25 20.84 1.03
N LEU A 290 -6.22 21.42 0.42
CA LEU A 290 -5.79 22.77 0.77
C LEU A 290 -6.07 23.72 -0.37
N PRO A 291 -6.91 24.74 -0.18
CA PRO A 291 -7.18 25.67 -1.29
C PRO A 291 -5.91 26.32 -1.83
N LYS A 292 -4.96 26.62 -0.96
CA LYS A 292 -3.66 27.13 -1.38
C LYS A 292 -2.57 26.34 -0.68
N PRO A 293 -1.38 26.25 -1.26
CA PRO A 293 -0.27 25.61 -0.55
C PRO A 293 0.01 26.34 0.76
N LEU A 294 0.38 25.59 1.78
CA LEU A 294 0.74 26.21 3.04
C LEU A 294 2.22 26.56 3.03
N THR A 295 2.59 27.55 3.83
CA THR A 295 3.98 27.90 4.04
C THR A 295 4.29 27.90 5.54
N LEU A 296 5.43 27.31 5.91
CA LEU A 296 5.85 27.21 7.29
C LEU A 296 7.27 27.79 7.45
N ARG A 297 7.47 28.54 8.54
CA ARG A 297 8.78 29.02 8.96
C ARG A 297 9.01 28.62 10.41
N TRP A 298 10.29 28.45 10.77
CA TRP A 298 10.63 28.22 12.17
C TRP A 298 10.49 29.50 12.97
N GLU A 299 9.96 29.37 14.20
CA GLU A 299 9.72 30.47 15.12
C GLU A 299 10.14 30.06 16.52
N PRO A 300 11.12 30.74 17.13
CA PRO A 300 11.67 30.50 18.48
C PRO A 300 10.66 30.53 19.65
N MET B 1 13.14 -14.76 -9.14
CA MET B 1 13.52 -14.75 -7.73
C MET B 1 14.55 -13.65 -7.43
N ILE B 2 14.15 -12.41 -7.70
CA ILE B 2 14.86 -11.24 -7.22
C ILE B 2 14.40 -10.98 -5.79
N GLN B 3 15.33 -10.56 -4.93
CA GLN B 3 15.06 -10.43 -3.50
C GLN B 3 15.27 -8.98 -3.07
N ARG B 4 14.23 -8.38 -2.52
CA ARG B 4 14.23 -6.96 -2.19
C ARG B 4 14.04 -6.81 -0.68
N THR B 5 14.97 -5.95 -0.01
CA THR B 5 14.93 -5.91 1.45
C THR B 5 13.95 -4.86 1.96
N PRO B 6 13.36 -5.04 3.14
CA PRO B 6 12.34 -4.09 3.59
C PRO B 6 12.91 -2.79 4.14
N LYS B 7 12.32 -1.68 3.71
CA LYS B 7 12.37 -0.43 4.45
C LYS B 7 11.42 -0.52 5.66
N ILE B 8 11.78 0.21 6.71
CA ILE B 8 11.11 0.15 8.01
C ILE B 8 10.90 1.56 8.54
N GLN B 9 9.70 1.85 9.04
CA GLN B 9 9.43 3.07 9.78
C GLN B 9 8.68 2.71 11.07
N VAL B 10 9.19 3.19 12.20
CA VAL B 10 8.55 3.04 13.50
C VAL B 10 8.14 4.43 13.98
N TYR B 11 6.91 4.54 14.47
CA TYR B 11 6.30 5.84 14.72
C TYR B 11 4.96 5.62 15.42
N SER B 12 4.46 6.68 16.03
CA SER B 12 3.21 6.64 16.78
C SER B 12 2.05 7.08 15.88
N ARG B 13 0.84 6.67 16.24
CA ARG B 13 -0.33 7.11 15.47
C ARG B 13 -0.62 8.59 15.71
N HIS B 14 -0.55 9.04 16.96
CA HIS B 14 -0.73 10.41 17.36
C HIS B 14 0.57 10.95 17.97
N PRO B 15 0.77 12.27 17.95
CA PRO B 15 1.95 12.84 18.60
C PRO B 15 2.08 12.30 20.02
N ALA B 16 3.32 11.96 20.40
CA ALA B 16 3.51 11.19 21.61
C ALA B 16 3.53 12.09 22.84
N GLU B 17 3.15 11.50 23.97
CA GLU B 17 3.05 12.22 25.25
C GLU B 17 3.15 11.20 26.38
N ASN B 18 4.16 11.33 27.22
CA ASN B 18 4.38 10.36 28.29
C ASN B 18 3.13 10.23 29.14
N GLY B 19 2.67 8.99 29.33
CA GLY B 19 1.53 8.73 30.17
C GLY B 19 0.20 8.73 29.48
N LYS B 20 0.15 8.99 28.17
CA LYS B 20 -1.09 8.99 27.41
C LYS B 20 -1.10 7.87 26.39
N SER B 21 -2.19 7.11 26.36
CA SER B 21 -2.33 5.93 25.54
C SER B 21 -2.30 6.29 24.05
N ASN B 22 -1.78 5.37 23.25
CA ASN B 22 -1.42 5.63 21.86
C ASN B 22 -1.34 4.29 21.13
N PHE B 23 -0.89 4.34 19.88
CA PHE B 23 -0.70 3.16 19.04
C PHE B 23 0.71 3.23 18.45
N LEU B 24 1.44 2.13 18.52
CA LEU B 24 2.78 2.02 17.97
C LEU B 24 2.71 1.29 16.65
N ASN B 25 3.22 1.92 15.59
CA ASN B 25 3.18 1.34 14.25
C ASN B 25 4.57 0.94 13.79
N CYS B 26 4.65 -0.18 13.08
CA CYS B 26 5.85 -0.56 12.36
C CYS B 26 5.43 -0.84 10.92
N TYR B 27 5.79 0.06 10.01
CA TYR B 27 5.35 -0.01 8.62
C TYR B 27 6.54 -0.52 7.81
N VAL B 28 6.37 -1.70 7.19
CA VAL B 28 7.43 -2.32 6.40
C VAL B 28 6.99 -2.38 4.95
N SER B 29 7.92 -2.11 4.02
CA SER B 29 7.53 -1.94 2.62
C SER B 29 8.71 -2.18 1.69
N GLY B 30 8.39 -2.24 0.40
CA GLY B 30 9.39 -2.40 -0.63
C GLY B 30 10.10 -3.73 -0.62
N PHE B 31 9.47 -4.78 -0.08
CA PHE B 31 10.15 -6.05 0.05
C PHE B 31 9.51 -7.12 -0.83
N HIS B 32 10.27 -8.21 -1.03
CA HIS B 32 9.85 -9.35 -1.84
C HIS B 32 10.77 -10.52 -1.52
N PRO B 33 10.24 -11.75 -1.31
CA PRO B 33 8.84 -12.17 -1.38
C PRO B 33 8.08 -11.80 -0.10
N SER B 34 6.83 -12.25 0.03
CA SER B 34 5.95 -11.66 1.02
C SER B 34 6.20 -12.19 2.43
N ASP B 35 6.80 -13.37 2.57
CA ASP B 35 7.01 -13.95 3.88
C ASP B 35 8.01 -13.12 4.68
N ILE B 36 7.62 -12.74 5.90
CA ILE B 36 8.42 -11.84 6.73
C ILE B 36 7.90 -11.91 8.16
N GLU B 37 8.79 -11.76 9.14
CA GLU B 37 8.41 -11.79 10.56
C GLU B 37 8.64 -10.41 11.17
N VAL B 38 7.58 -9.83 11.73
CA VAL B 38 7.65 -8.51 12.34
C VAL B 38 7.19 -8.62 13.78
N ASP B 39 8.00 -8.09 14.70
CA ASP B 39 7.64 -8.01 16.12
C ASP B 39 7.80 -6.59 16.62
N LEU B 40 6.94 -6.22 17.55
CA LEU B 40 7.06 -4.96 18.28
C LEU B 40 7.64 -5.25 19.67
N LEU B 41 8.70 -4.53 20.03
CA LEU B 41 9.45 -4.82 21.24
C LEU B 41 9.21 -3.74 22.29
N LYS B 42 9.27 -4.14 23.55
CA LYS B 42 9.22 -3.23 24.69
C LYS B 42 10.32 -3.66 25.66
N ASN B 43 11.36 -2.83 25.79
CA ASN B 43 12.55 -3.16 26.59
C ASN B 43 13.17 -4.46 26.10
N GLY B 44 13.21 -4.64 24.79
CA GLY B 44 13.72 -5.86 24.20
C GLY B 44 12.75 -7.03 24.23
N GLU B 45 11.62 -6.91 24.92
CA GLU B 45 10.68 -8.00 25.11
C GLU B 45 9.51 -7.92 24.12
N ARG B 46 8.94 -9.08 23.81
CA ARG B 46 8.03 -9.22 22.68
C ARG B 46 6.59 -8.90 23.11
N ILE B 47 6.01 -7.87 22.52
CA ILE B 47 4.62 -7.54 22.83
C ILE B 47 3.72 -8.57 22.14
N GLU B 48 2.73 -9.08 22.86
CA GLU B 48 2.01 -10.24 22.36
C GLU B 48 0.86 -9.90 21.41
N LYS B 49 0.03 -8.92 21.74
CA LYS B 49 -1.24 -8.76 21.03
C LYS B 49 -1.11 -7.76 19.86
N VAL B 50 -0.26 -8.10 18.91
CA VAL B 50 0.07 -7.23 17.77
C VAL B 50 -0.74 -7.66 16.56
N GLU B 51 -1.36 -6.69 15.88
CA GLU B 51 -2.19 -6.95 14.71
C GLU B 51 -1.52 -6.38 13.45
N HIS B 52 -2.08 -6.72 12.30
CA HIS B 52 -1.45 -6.26 11.06
C HIS B 52 -2.45 -6.28 9.92
N SER B 53 -2.15 -5.46 8.91
CA SER B 53 -3.01 -5.24 7.75
C SER B 53 -2.94 -6.40 6.76
N ASP B 54 -3.93 -6.43 5.89
CA ASP B 54 -3.96 -7.42 4.83
C ASP B 54 -2.91 -7.08 3.79
N LEU B 55 -2.06 -8.06 3.48
CA LEU B 55 -0.98 -7.92 2.50
C LEU B 55 -1.46 -7.22 1.25
N SER B 56 -0.66 -6.26 0.78
CA SER B 56 -0.90 -5.57 -0.48
C SER B 56 0.47 -5.21 -1.09
N PHE B 57 0.46 -4.51 -2.22
CA PHE B 57 1.74 -4.24 -2.88
C PHE B 57 1.63 -3.01 -3.77
N SER B 58 2.80 -2.49 -4.16
CA SER B 58 2.95 -1.24 -4.89
C SER B 58 3.07 -1.48 -6.40
N LYS B 59 3.21 -0.38 -7.15
CA LYS B 59 3.34 -0.43 -8.60
C LYS B 59 4.55 -1.25 -9.06
N ASP B 60 5.65 -1.25 -8.30
CA ASP B 60 6.77 -2.11 -8.64
C ASP B 60 6.62 -3.55 -8.09
N TRP B 61 5.42 -3.95 -7.65
CA TRP B 61 5.10 -5.29 -7.17
C TRP B 61 5.71 -5.63 -5.82
N SER B 62 6.36 -4.70 -5.13
CA SER B 62 6.89 -4.99 -3.82
C SER B 62 5.81 -4.79 -2.77
N PHE B 63 5.89 -5.57 -1.71
CA PHE B 63 4.86 -5.69 -0.69
C PHE B 63 5.01 -4.60 0.37
N TYR B 64 3.91 -4.34 1.09
CA TYR B 64 3.96 -3.54 2.30
C TYR B 64 2.91 -4.05 3.28
N LEU B 65 3.19 -3.82 4.58
CA LEU B 65 2.35 -4.24 5.69
C LEU B 65 2.50 -3.23 6.83
N LEU B 66 1.39 -2.95 7.52
CA LEU B 66 1.39 -2.23 8.78
C LEU B 66 1.15 -3.21 9.94
N TYR B 67 2.07 -3.23 10.91
CA TYR B 67 1.85 -3.87 12.20
C TYR B 67 1.66 -2.79 13.26
N TYR B 68 0.77 -3.05 14.22
CA TYR B 68 0.45 -2.03 15.22
C TYR B 68 -0.07 -2.69 16.51
N THR B 69 0.07 -1.95 17.61
CA THR B 69 -0.49 -2.33 18.89
C THR B 69 -0.70 -1.07 19.74
N GLU B 70 -1.44 -1.23 20.84
CA GLU B 70 -1.65 -0.13 21.77
C GLU B 70 -0.47 -0.01 22.72
N PHE B 71 -0.09 1.23 23.03
CA PHE B 71 1.04 1.43 23.93
C PHE B 71 0.94 2.81 24.57
N THR B 72 1.77 3.01 25.59
CA THR B 72 1.84 4.27 26.32
C THR B 72 3.30 4.69 26.43
N PRO B 73 3.73 5.74 25.73
CA PRO B 73 5.10 6.22 25.90
C PRO B 73 5.35 6.63 27.35
N THR B 74 6.57 6.36 27.83
CA THR B 74 6.98 6.82 29.14
C THR B 74 8.42 7.30 29.06
N GLU B 75 8.83 7.94 30.14
CA GLU B 75 10.18 8.48 30.25
C GLU B 75 11.23 7.40 30.05
N LYS B 76 10.99 6.18 30.56
CA LYS B 76 12.04 5.19 30.65
C LYS B 76 11.79 3.89 29.91
N ASP B 77 10.65 3.71 29.25
CA ASP B 77 10.40 2.48 28.52
C ASP B 77 10.92 2.62 27.10
N GLU B 78 11.50 1.54 26.58
CA GLU B 78 12.14 1.54 25.27
C GLU B 78 11.33 0.69 24.30
N TYR B 79 11.03 1.25 23.13
CA TYR B 79 10.19 0.61 22.14
C TYR B 79 10.94 0.46 20.83
N ALA B 80 10.68 -0.64 20.14
CA ALA B 80 11.38 -0.91 18.90
C ALA B 80 10.56 -1.85 18.03
N CYS B 81 10.96 -1.91 16.77
CA CYS B 81 10.44 -2.87 15.82
C CYS B 81 11.57 -3.81 15.42
N ARG B 82 11.31 -5.11 15.48
CA ARG B 82 12.30 -6.13 15.14
C ARG B 82 11.83 -6.88 13.90
N VAL B 83 12.60 -6.81 12.82
CA VAL B 83 12.18 -7.34 11.53
C VAL B 83 13.22 -8.33 11.01
N ASN B 84 12.76 -9.47 10.51
CA ASN B 84 13.58 -10.48 9.88
C ASN B 84 12.94 -10.90 8.56
N HIS B 85 13.78 -11.23 7.59
CA HIS B 85 13.36 -11.48 6.23
C HIS B 85 14.51 -12.18 5.51
N VAL B 86 14.16 -12.94 4.46
CA VAL B 86 15.15 -13.82 3.84
C VAL B 86 16.36 -13.03 3.35
N THR B 87 16.16 -11.78 2.93
CA THR B 87 17.25 -10.98 2.42
C THR B 87 18.03 -10.25 3.52
N LEU B 88 17.95 -10.69 4.77
CA LEU B 88 18.55 -9.96 5.88
C LEU B 88 19.48 -10.88 6.65
N SER B 89 20.74 -10.46 6.79
CA SER B 89 21.76 -11.28 7.43
C SER B 89 21.41 -11.55 8.90
N GLN B 90 20.88 -10.55 9.60
CA GLN B 90 20.46 -10.67 10.99
C GLN B 90 19.18 -9.87 11.21
N PRO B 91 18.31 -10.31 12.14
CA PRO B 91 17.09 -9.56 12.45
C PRO B 91 17.34 -8.08 12.77
N LYS B 92 16.86 -7.17 11.92
CA LYS B 92 17.12 -5.75 12.10
C LYS B 92 16.17 -5.14 13.15
N ILE B 93 16.75 -4.43 14.12
CA ILE B 93 16.02 -3.75 15.19
C ILE B 93 16.02 -2.26 14.91
N VAL B 94 14.85 -1.63 14.97
CA VAL B 94 14.73 -0.20 14.71
C VAL B 94 14.03 0.44 15.89
N LYS B 95 14.69 1.40 16.53
CA LYS B 95 14.17 1.97 17.77
C LYS B 95 13.12 3.03 17.50
N TRP B 96 12.11 3.10 18.36
CA TRP B 96 11.16 4.19 18.28
C TRP B 96 11.79 5.47 18.82
N ASP B 97 11.80 6.52 17.98
CA ASP B 97 12.24 7.85 18.34
C ASP B 97 11.07 8.79 18.13
N ARG B 98 10.61 9.42 19.20
CA ARG B 98 9.37 10.17 19.12
C ARG B 98 9.48 11.42 18.25
N ASP B 99 10.68 11.79 17.79
CA ASP B 99 10.84 12.90 16.86
C ASP B 99 10.84 12.46 15.39
N MET B 100 10.47 11.21 15.11
CA MET B 100 10.48 10.64 13.76
C MET B 100 9.26 9.76 13.46
N TYR C 1 -16.92 -4.74 -6.53
CA TYR C 1 -17.46 -5.65 -7.52
C TYR C 1 -16.34 -6.22 -8.37
N ILE C 2 -15.91 -7.45 -8.12
CA ILE C 2 -14.77 -7.93 -8.88
C ILE C 2 -15.21 -8.53 -10.21
N TRP C 3 -14.25 -8.75 -11.09
CA TRP C 3 -14.54 -9.25 -12.43
C TRP C 3 -15.33 -10.55 -12.34
N LEU C 4 -16.40 -10.64 -13.14
CA LEU C 4 -17.25 -11.82 -13.16
C LEU C 4 -17.06 -12.52 -14.48
N GLY C 5 -16.83 -13.82 -14.44
CA GLY C 5 -16.73 -14.64 -15.62
C GLY C 5 -15.46 -15.45 -15.65
N PHE C 6 -15.31 -16.22 -16.72
CA PHE C 6 -14.25 -17.20 -16.84
C PHE C 6 -12.91 -16.49 -17.00
N ILE C 7 -12.17 -16.38 -15.89
CA ILE C 7 -10.82 -15.85 -15.89
C ILE C 7 -9.89 -16.93 -16.42
N ALA C 8 -9.34 -16.74 -17.62
CA ALA C 8 -8.65 -17.81 -18.31
C ALA C 8 -7.28 -18.08 -17.68
N GLY C 9 -6.69 -19.21 -18.06
CA GLY C 9 -5.38 -19.58 -17.59
C GLY C 9 -4.32 -18.68 -18.20
N LEU C 10 -3.09 -18.87 -17.76
CA LEU C 10 -1.96 -18.10 -18.30
C LEU C 10 -1.46 -18.66 -19.63
#